data_9HJY
#
_entry.id   9HJY
#
_cell.length_a   37.967
_cell.length_b   76.911
_cell.length_c   152.347
_cell.angle_alpha   90.00
_cell.angle_beta   90.00
_cell.angle_gamma   90.00
#
_symmetry.space_group_name_H-M   'I 2 2 2'
#
loop_
_entity.id
_entity.type
_entity.pdbx_description
1 polymer 'Late digestive cathepsin L'
2 branched 2-acetamido-2-deoxy-beta-D-glucopyranose-(1-4)-2-acetamido-2-deoxy-beta-D-glucopyranose
3 non-polymer 'SULFATE ION'
4 non-polymer N-[N-[1-HYDROXYCARBOXYETHYL-CARBONYL]LEUCYLAMINO-BUTYL]-GUANIDINE
5 water water
#
_entity_poly.entity_id   1
_entity_poly.type   'polypeptide(L)'
_entity_poly.pdbx_seq_one_letter_code
;FPQTVDWRKKGAVTPVKNQEQCGSCWAFSATGSLEGQHFLNTGKLVSLSEQNLVDCSDDFGNIGCSGGLMDNAFQYIKAN
GGIDTEKSYPYTGEDGQCVFDKSNVGAADTGFVDVQTGDETQLMKAVASVGPISVAIDASHISFQFYAQGVYDEPACSSE
MLDHGVLAVGYGTLNGKDYWLVKNSWGADWGQEGYILMSRNKNNQCGIASNASYPLVGHHHHHH
;
_entity_poly.pdbx_strand_id   A
#
# COMPACT_ATOMS: atom_id res chain seq x y z
N PHE A 1 -7.59 -14.66 18.05
CA PHE A 1 -7.54 -13.69 16.96
C PHE A 1 -7.32 -12.27 17.49
N PRO A 2 -6.31 -11.58 16.94
CA PRO A 2 -5.88 -10.32 17.55
C PRO A 2 -6.92 -9.21 17.38
N GLN A 3 -7.18 -8.50 18.48
CA GLN A 3 -7.97 -7.27 18.45
C GLN A 3 -7.17 -6.08 17.95
N THR A 4 -5.84 -6.13 18.06
CA THR A 4 -4.96 -5.03 17.67
C THR A 4 -3.79 -5.63 16.92
N VAL A 5 -3.51 -5.06 15.74
CA VAL A 5 -2.38 -5.47 14.92
C VAL A 5 -1.58 -4.23 14.54
N ASP A 6 -0.26 -4.33 14.59
CA ASP A 6 0.61 -3.25 14.11
C ASP A 6 1.85 -3.92 13.54
N TRP A 7 1.89 -4.08 12.21
CA TRP A 7 2.98 -4.81 11.59
C TRP A 7 4.32 -4.08 11.69
N ARG A 8 4.31 -2.78 12.01
CA ARG A 8 5.57 -2.07 12.23
C ARG A 8 6.34 -2.68 13.39
N LYS A 9 5.63 -3.10 14.43
CA LYS A 9 6.29 -3.65 15.61
C LYS A 9 6.92 -5.01 15.35
N LYS A 10 6.50 -5.71 14.30
CA LYS A 10 7.13 -6.98 13.93
C LYS A 10 8.29 -6.80 12.94
N GLY A 11 8.57 -5.58 12.51
CA GLY A 11 9.63 -5.33 11.56
C GLY A 11 9.27 -5.51 10.10
N ALA A 12 7.98 -5.49 9.75
CA ALA A 12 7.54 -5.82 8.40
C ALA A 12 7.30 -4.59 7.52
N VAL A 13 7.60 -3.38 7.99
CA VAL A 13 7.22 -2.15 7.29
C VAL A 13 8.44 -1.23 7.20
N THR A 14 8.75 -0.76 5.98
CA THR A 14 9.85 0.18 5.76
C THR A 14 9.45 1.56 6.26
N PRO A 15 10.41 2.48 6.37
CA PRO A 15 10.05 3.86 6.73
C PRO A 15 9.10 4.48 5.71
N VAL A 16 8.44 5.54 6.16
CA VAL A 16 7.52 6.26 5.28
C VAL A 16 8.31 6.94 4.16
N LYS A 17 7.80 6.82 2.95
CA LYS A 17 8.38 7.37 1.73
C LYS A 17 7.53 8.55 1.26
N ASN A 18 8.01 9.23 0.22
CA ASN A 18 7.36 10.44 -0.29
C ASN A 18 7.28 10.35 -1.80
N GLN A 19 6.06 10.25 -2.33
CA GLN A 19 5.87 10.13 -3.77
C GLN A 19 6.07 11.44 -4.54
N GLU A 20 6.21 12.56 -3.83
N GLU A 20 6.22 12.57 -3.84
CA GLU A 20 6.33 13.87 -4.45
CA GLU A 20 6.48 13.87 -4.49
C GLU A 20 5.21 14.12 -5.45
C GLU A 20 5.27 14.21 -5.37
N GLN A 21 5.49 14.80 -6.55
CA GLN A 21 4.41 15.26 -7.42
C GLN A 21 4.27 14.37 -8.65
N CYS A 22 4.25 13.07 -8.38
CA CYS A 22 4.06 12.04 -9.36
C CYS A 22 2.87 11.20 -8.91
N GLY A 23 1.99 10.84 -9.86
CA GLY A 23 0.81 10.04 -9.53
C GLY A 23 1.14 8.57 -9.40
N SER A 24 2.00 8.25 -8.43
CA SER A 24 2.56 6.91 -8.27
C SER A 24 2.09 6.23 -6.99
N CYS A 25 0.97 6.68 -6.41
CA CYS A 25 0.49 6.05 -5.17
C CYS A 25 0.40 4.54 -5.33
N TRP A 26 -0.04 4.08 -6.50
CA TRP A 26 -0.20 2.65 -6.76
C TRP A 26 1.13 1.92 -6.60
N ALA A 27 2.25 2.56 -6.99
CA ALA A 27 3.56 1.93 -6.87
C ALA A 27 4.01 1.82 -5.42
N PHE A 28 3.78 2.88 -4.63
CA PHE A 28 4.14 2.84 -3.22
C PHE A 28 3.28 1.84 -2.45
N SER A 29 1.99 1.76 -2.78
CA SER A 29 1.14 0.76 -2.15
C SER A 29 1.60 -0.66 -2.49
N ALA A 30 1.96 -0.89 -3.76
CA ALA A 30 2.42 -2.22 -4.18
C ALA A 30 3.74 -2.59 -3.52
N THR A 31 4.71 -1.68 -3.51
CA THR A 31 5.97 -2.02 -2.86
C THR A 31 5.77 -2.23 -1.37
N GLY A 32 4.87 -1.46 -0.75
CA GLY A 32 4.63 -1.64 0.67
C GLY A 32 4.15 -3.04 1.02
N SER A 33 3.18 -3.54 0.25
N SER A 33 3.19 -3.55 0.25
CA SER A 33 2.65 -4.86 0.56
CA SER A 33 2.64 -4.86 0.58
C SER A 33 3.67 -5.95 0.24
C SER A 33 3.59 -6.00 0.17
N LEU A 34 4.40 -5.80 -0.87
CA LEU A 34 5.40 -6.83 -1.21
C LEU A 34 6.58 -6.77 -0.23
N GLU A 35 6.97 -5.57 0.22
CA GLU A 35 7.97 -5.49 1.28
C GLU A 35 7.53 -6.32 2.49
N GLY A 36 6.25 -6.23 2.84
CA GLY A 36 5.76 -7.00 3.97
C GLY A 36 5.83 -8.50 3.71
N GLN A 37 5.40 -8.95 2.52
CA GLN A 37 5.42 -10.37 2.22
C GLN A 37 6.84 -10.91 2.11
N HIS A 38 7.74 -10.15 1.49
CA HIS A 38 9.13 -10.60 1.41
C HIS A 38 9.74 -10.74 2.80
N PHE A 39 9.49 -9.78 3.70
CA PHE A 39 10.02 -9.88 5.05
C PHE A 39 9.43 -11.09 5.78
N LEU A 40 8.11 -11.23 5.72
CA LEU A 40 7.47 -12.28 6.52
C LEU A 40 7.87 -13.68 6.05
N ASN A 41 8.35 -13.82 4.82
CA ASN A 41 8.76 -15.12 4.32
C ASN A 41 10.27 -15.34 4.31
N THR A 42 11.07 -14.29 4.54
CA THR A 42 12.52 -14.43 4.57
C THR A 42 13.18 -13.94 5.86
N GLY A 43 12.50 -13.10 6.63
CA GLY A 43 13.13 -12.42 7.75
C GLY A 43 13.95 -11.20 7.39
N LYS A 44 14.04 -10.85 6.12
CA LYS A 44 14.82 -9.69 5.68
C LYS A 44 13.87 -8.61 5.18
N LEU A 45 13.99 -7.41 5.74
CA LEU A 45 13.19 -6.27 5.28
C LEU A 45 14.02 -5.53 4.22
N VAL A 46 13.55 -5.60 2.98
CA VAL A 46 14.24 -5.03 1.83
C VAL A 46 13.31 -3.97 1.23
N SER A 47 13.78 -2.73 1.16
CA SER A 47 13.00 -1.66 0.52
C SER A 47 13.05 -1.81 -0.99
N LEU A 48 11.88 -1.72 -1.64
CA LEU A 48 11.74 -2.01 -3.07
C LEU A 48 11.48 -0.75 -3.88
N SER A 49 11.74 -0.85 -5.19
CA SER A 49 11.83 0.31 -6.09
C SER A 49 10.47 0.66 -6.69
N GLU A 50 9.87 1.77 -6.22
CA GLU A 50 8.70 2.33 -6.91
C GLU A 50 9.05 2.80 -8.32
N GLN A 51 10.26 3.33 -8.52
CA GLN A 51 10.61 3.84 -9.84
C GLN A 51 10.65 2.73 -10.88
N ASN A 52 11.08 1.53 -10.47
CA ASN A 52 11.03 0.34 -11.34
C ASN A 52 9.61 0.14 -11.87
N LEU A 53 8.62 0.25 -10.99
CA LEU A 53 7.23 0.10 -11.40
C LEU A 53 6.79 1.25 -12.30
N VAL A 54 7.10 2.49 -11.90
CA VAL A 54 6.69 3.66 -12.67
C VAL A 54 7.23 3.59 -14.09
N ASP A 55 8.52 3.22 -14.24
CA ASP A 55 9.17 3.26 -15.54
C ASP A 55 8.82 2.07 -16.44
N CYS A 56 8.54 0.91 -15.86
CA CYS A 56 8.60 -0.34 -16.59
C CYS A 56 7.29 -1.10 -16.76
N SER A 57 6.22 -0.73 -16.04
CA SER A 57 5.05 -1.60 -16.00
C SER A 57 3.90 -1.09 -16.88
N ASP A 58 4.19 -0.24 -17.87
CA ASP A 58 3.15 0.26 -18.75
C ASP A 58 2.40 -0.87 -19.47
N ASP A 59 3.12 -1.92 -19.89
CA ASP A 59 2.44 -2.98 -20.65
C ASP A 59 1.47 -3.78 -19.80
N PHE A 60 1.43 -3.56 -18.50
CA PHE A 60 0.47 -4.22 -17.63
C PHE A 60 -0.66 -3.31 -17.21
N GLY A 61 -0.82 -2.18 -17.91
CA GLY A 61 -1.94 -1.30 -17.69
C GLY A 61 -1.65 -0.03 -16.92
N ASN A 62 -0.42 0.14 -16.42
CA ASN A 62 -0.07 1.34 -15.67
C ASN A 62 0.41 2.44 -16.61
N ILE A 63 0.37 3.67 -16.10
CA ILE A 63 0.71 4.83 -16.91
C ILE A 63 1.64 5.74 -16.12
N GLY A 64 2.58 5.12 -15.41
CA GLY A 64 3.67 5.88 -14.79
C GLY A 64 3.13 6.87 -13.79
N CYS A 65 3.62 8.11 -13.89
CA CYS A 65 3.18 9.19 -13.01
C CYS A 65 1.77 9.68 -13.32
N SER A 66 1.11 9.14 -14.34
CA SER A 66 -0.29 9.47 -14.59
C SER A 66 -1.25 8.50 -13.94
N GLY A 67 -0.76 7.46 -13.26
CA GLY A 67 -1.60 6.61 -12.47
C GLY A 67 -1.42 5.14 -12.81
N GLY A 68 -2.05 4.30 -11.99
CA GLY A 68 -1.92 2.87 -12.17
C GLY A 68 -2.70 2.14 -11.10
N LEU A 69 -2.44 0.83 -11.00
CA LEU A 69 -3.15 -0.03 -10.06
C LEU A 69 -2.17 -1.01 -9.41
N MET A 70 -2.44 -1.33 -8.15
CA MET A 70 -1.57 -2.25 -7.42
C MET A 70 -1.55 -3.64 -8.07
N ASP A 71 -2.71 -4.15 -8.48
CA ASP A 71 -2.72 -5.48 -9.08
C ASP A 71 -1.96 -5.51 -10.40
N ASN A 72 -2.03 -4.43 -11.18
CA ASN A 72 -1.19 -4.33 -12.38
C ASN A 72 0.29 -4.43 -12.02
N ALA A 73 0.69 -3.80 -10.92
CA ALA A 73 2.09 -3.88 -10.49
C ALA A 73 2.47 -5.30 -10.11
N PHE A 74 1.60 -5.99 -9.35
CA PHE A 74 1.90 -7.37 -8.97
C PHE A 74 2.04 -8.28 -10.19
N GLN A 75 1.22 -8.04 -11.22
CA GLN A 75 1.33 -8.83 -12.45
C GLN A 75 2.63 -8.56 -13.18
N TYR A 76 3.00 -7.28 -13.29
CA TYR A 76 4.28 -6.95 -13.89
C TYR A 76 5.43 -7.63 -13.15
N ILE A 77 5.42 -7.57 -11.82
CA ILE A 77 6.52 -8.17 -11.06
C ILE A 77 6.61 -9.66 -11.34
N LYS A 78 5.47 -10.35 -11.40
CA LYS A 78 5.46 -11.77 -11.72
C LYS A 78 6.03 -12.04 -13.11
N ALA A 79 5.53 -11.33 -14.12
CA ALA A 79 6.03 -11.55 -15.48
C ALA A 79 7.51 -11.21 -15.61
N ASN A 80 7.96 -10.19 -14.88
CA ASN A 80 9.32 -9.67 -15.00
C ASN A 80 10.33 -10.52 -14.24
N GLY A 81 9.88 -11.42 -13.37
CA GLY A 81 10.81 -12.15 -12.54
C GLY A 81 11.34 -11.37 -11.36
N GLY A 82 10.68 -10.28 -10.98
CA GLY A 82 11.08 -9.58 -9.79
C GLY A 82 11.06 -8.06 -9.90
N ILE A 83 11.41 -7.41 -8.81
CA ILE A 83 11.45 -5.95 -8.72
C ILE A 83 12.76 -5.56 -8.06
N ASP A 84 13.39 -4.49 -8.56
CA ASP A 84 14.68 -4.07 -8.04
C ASP A 84 14.53 -3.45 -6.65
N THR A 85 15.65 -3.43 -5.93
CA THR A 85 15.70 -2.75 -4.64
C THR A 85 15.59 -1.23 -4.81
N GLU A 86 15.02 -0.59 -3.78
CA GLU A 86 15.00 0.88 -3.73
C GLU A 86 16.41 1.45 -3.88
N LYS A 87 17.38 0.82 -3.20
CA LYS A 87 18.75 1.34 -3.22
C LYS A 87 19.35 1.32 -4.62
N SER A 88 19.06 0.28 -5.41
CA SER A 88 19.68 0.18 -6.73
C SER A 88 18.93 0.99 -7.80
N TYR A 89 17.65 1.27 -7.57
CA TYR A 89 16.78 1.90 -8.55
C TYR A 89 15.96 2.95 -7.82
N PRO A 90 16.60 4.03 -7.37
CA PRO A 90 15.92 4.97 -6.48
C PRO A 90 14.92 5.85 -7.21
N TYR A 91 14.13 6.54 -6.38
CA TYR A 91 12.93 7.24 -6.83
C TYR A 91 13.25 8.66 -7.29
N THR A 92 12.75 9.02 -8.47
CA THR A 92 12.92 10.37 -9.01
C THR A 92 11.65 11.20 -8.97
N GLY A 93 10.49 10.58 -8.87
CA GLY A 93 9.26 11.35 -8.97
C GLY A 93 8.92 11.86 -10.35
N GLU A 94 9.48 11.26 -11.40
CA GLU A 94 9.11 11.61 -12.77
C GLU A 94 9.18 10.35 -13.63
N ASP A 95 8.43 10.38 -14.73
CA ASP A 95 8.47 9.27 -15.69
C ASP A 95 9.87 9.14 -16.28
N GLY A 96 10.34 7.90 -16.39
CA GLY A 96 11.65 7.64 -16.97
C GLY A 96 11.62 6.42 -17.86
N GLN A 97 12.74 6.21 -18.55
CA GLN A 97 12.90 4.98 -19.31
C GLN A 97 13.25 3.83 -18.37
N CYS A 98 12.76 2.64 -18.72
CA CYS A 98 12.94 1.47 -17.89
C CYS A 98 14.41 1.03 -17.88
N VAL A 99 15.01 1.01 -16.70
CA VAL A 99 16.40 0.55 -16.56
C VAL A 99 16.44 -0.60 -15.55
N PHE A 100 15.42 -1.46 -15.58
CA PHE A 100 15.40 -2.63 -14.72
C PHE A 100 16.66 -3.46 -14.91
N ASP A 101 17.20 -3.96 -13.80
CA ASP A 101 18.43 -4.76 -13.78
C ASP A 101 18.14 -6.06 -13.05
N LYS A 102 18.30 -7.20 -13.74
CA LYS A 102 18.03 -8.50 -13.13
C LYS A 102 18.93 -8.77 -11.93
N SER A 103 20.14 -8.22 -11.91
CA SER A 103 21.08 -8.52 -10.84
C SER A 103 20.79 -7.77 -9.55
N ASN A 104 19.86 -6.81 -9.57
CA ASN A 104 19.53 -6.01 -8.39
C ASN A 104 18.14 -6.31 -7.84
N VAL A 105 17.56 -7.46 -8.21
CA VAL A 105 16.22 -7.82 -7.73
C VAL A 105 16.22 -7.98 -6.22
N GLY A 106 15.23 -7.39 -5.56
CA GLY A 106 15.12 -7.46 -4.12
C GLY A 106 13.98 -8.35 -3.64
N ALA A 107 13.00 -8.60 -4.51
CA ALA A 107 11.85 -9.41 -4.16
C ALA A 107 11.13 -9.82 -5.44
N ALA A 108 10.28 -10.83 -5.33
CA ALA A 108 9.47 -11.29 -6.45
C ALA A 108 8.09 -11.63 -5.94
N ASP A 109 7.14 -11.77 -6.87
CA ASP A 109 5.85 -12.31 -6.50
C ASP A 109 5.34 -13.21 -7.63
N THR A 110 4.33 -14.02 -7.31
CA THR A 110 3.84 -15.04 -8.22
C THR A 110 2.36 -14.86 -8.53
N GLY A 111 1.81 -13.69 -8.24
CA GLY A 111 0.42 -13.38 -8.45
C GLY A 111 -0.09 -12.50 -7.33
N PHE A 112 -1.41 -12.52 -7.15
CA PHE A 112 -2.02 -11.64 -6.16
C PHE A 112 -3.39 -12.17 -5.78
N VAL A 113 -3.91 -11.68 -4.66
CA VAL A 113 -5.23 -12.05 -4.15
C VAL A 113 -6.01 -10.77 -3.93
N ASP A 114 -7.23 -10.71 -4.46
CA ASP A 114 -8.14 -9.61 -4.15
C ASP A 114 -9.04 -9.99 -2.97
N VAL A 115 -9.07 -9.12 -1.96
CA VAL A 115 -10.00 -9.27 -0.84
C VAL A 115 -11.43 -8.98 -1.30
N GLN A 116 -12.39 -9.71 -0.75
CA GLN A 116 -13.80 -9.54 -1.10
C GLN A 116 -14.20 -8.07 -1.02
N THR A 117 -14.83 -7.57 -2.09
CA THR A 117 -15.12 -6.14 -2.20
C THR A 117 -16.10 -5.68 -1.11
N GLY A 118 -15.69 -4.68 -0.34
CA GLY A 118 -16.53 -4.06 0.66
C GLY A 118 -16.52 -4.73 2.02
N ASP A 119 -15.77 -5.82 2.20
CA ASP A 119 -15.90 -6.68 3.37
C ASP A 119 -14.78 -6.35 4.35
N GLU A 120 -15.11 -5.53 5.37
CA GLU A 120 -14.09 -5.13 6.33
C GLU A 120 -13.70 -6.26 7.26
N THR A 121 -14.58 -7.25 7.48
CA THR A 121 -14.16 -8.40 8.27
C THR A 121 -13.12 -9.21 7.51
N GLN A 122 -13.30 -9.38 6.20
CA GLN A 122 -12.28 -10.09 5.42
C GLN A 122 -10.98 -9.30 5.35
N LEU A 123 -11.04 -7.97 5.23
CA LEU A 123 -9.81 -7.17 5.25
C LEU A 123 -9.11 -7.31 6.60
N MET A 124 -9.86 -7.33 7.70
CA MET A 124 -9.26 -7.52 9.01
C MET A 124 -8.54 -8.86 9.10
N LYS A 125 -9.19 -9.93 8.64
CA LYS A 125 -8.55 -11.23 8.63
C LYS A 125 -7.28 -11.24 7.78
N ALA A 126 -7.30 -10.55 6.64
CA ALA A 126 -6.10 -10.50 5.81
C ALA A 126 -4.98 -9.73 6.49
N VAL A 127 -5.28 -8.57 7.09
CA VAL A 127 -4.24 -7.83 7.80
C VAL A 127 -3.63 -8.69 8.89
N ALA A 128 -4.47 -9.44 9.62
CA ALA A 128 -3.95 -10.23 10.74
C ALA A 128 -3.14 -11.44 10.27
N SER A 129 -3.63 -12.15 9.24
N SER A 129 -3.65 -12.15 9.25
CA SER A 129 -3.08 -13.44 8.87
CA SER A 129 -3.11 -13.44 8.84
C SER A 129 -2.10 -13.40 7.70
C SER A 129 -2.02 -13.33 7.76
N VAL A 130 -2.11 -12.34 6.88
CA VAL A 130 -1.23 -12.23 5.72
C VAL A 130 -0.10 -11.23 5.95
N GLY A 131 -0.43 -10.03 6.42
CA GLY A 131 0.52 -8.96 6.50
C GLY A 131 -0.09 -7.66 6.03
N PRO A 132 0.74 -6.63 5.84
CA PRO A 132 0.22 -5.35 5.30
C PRO A 132 -0.46 -5.55 3.95
N ILE A 133 -1.61 -4.91 3.77
CA ILE A 133 -2.50 -5.11 2.62
C ILE A 133 -2.57 -3.82 1.81
N SER A 134 -2.39 -3.93 0.49
CA SER A 134 -2.63 -2.77 -0.38
C SER A 134 -4.11 -2.43 -0.39
N VAL A 135 -4.44 -1.14 -0.24
CA VAL A 135 -5.83 -0.71 -0.23
C VAL A 135 -5.98 0.57 -1.03
N ALA A 136 -7.17 0.75 -1.61
CA ALA A 136 -7.54 1.97 -2.32
C ALA A 136 -8.55 2.76 -1.50
N ILE A 137 -8.38 4.09 -1.42
CA ILE A 137 -9.26 4.92 -0.63
C ILE A 137 -9.64 6.18 -1.39
N ASP A 138 -10.75 6.79 -0.95
CA ASP A 138 -11.11 8.15 -1.31
C ASP A 138 -10.34 9.09 -0.38
N ALA A 139 -9.25 9.68 -0.90
CA ALA A 139 -8.48 10.67 -0.16
C ALA A 139 -8.66 12.06 -0.72
N SER A 140 -9.80 12.31 -1.36
CA SER A 140 -10.03 13.57 -2.09
C SER A 140 -10.43 14.73 -1.19
N HIS A 141 -10.73 14.49 0.08
CA HIS A 141 -11.31 15.54 0.90
C HIS A 141 -10.23 16.29 1.68
N ILE A 142 -10.45 17.60 1.85
CA ILE A 142 -9.43 18.42 2.50
C ILE A 142 -9.17 17.93 3.91
N SER A 143 -10.19 17.34 4.56
CA SER A 143 -9.99 16.77 5.89
C SER A 143 -8.86 15.73 5.91
N PHE A 144 -8.70 14.98 4.81
CA PHE A 144 -7.59 14.02 4.72
C PHE A 144 -6.25 14.73 4.62
N GLN A 145 -6.18 15.77 3.80
CA GLN A 145 -4.93 16.54 3.70
C GLN A 145 -4.51 17.07 5.07
N PHE A 146 -5.48 17.49 5.89
CA PHE A 146 -5.21 18.17 7.15
C PHE A 146 -5.19 17.22 8.35
N TYR A 147 -5.32 15.92 8.12
CA TYR A 147 -5.38 14.97 9.23
C TYR A 147 -4.17 15.11 10.15
N ALA A 148 -4.42 15.06 11.46
CA ALA A 148 -3.36 15.24 12.45
C ALA A 148 -3.24 14.04 13.39
N GLN A 149 -4.34 13.65 14.01
CA GLN A 149 -4.30 12.56 14.99
C GLN A 149 -5.72 12.06 15.23
N GLY A 150 -5.85 11.05 16.09
CA GLY A 150 -7.17 10.48 16.32
C GLY A 150 -7.65 9.66 15.14
N VAL A 151 -8.92 9.30 15.17
CA VAL A 151 -9.52 8.46 14.14
C VAL A 151 -10.18 9.37 13.11
N TYR A 152 -9.64 9.35 11.90
CA TYR A 152 -10.25 10.05 10.77
C TYR A 152 -11.66 9.52 10.53
N ASP A 153 -12.63 10.44 10.43
CA ASP A 153 -14.04 10.05 10.28
C ASP A 153 -14.69 11.10 9.38
N GLU A 154 -14.79 10.77 8.09
CA GLU A 154 -15.23 11.70 7.06
C GLU A 154 -16.54 11.20 6.47
N PRO A 155 -17.69 11.70 6.94
CA PRO A 155 -18.97 11.20 6.41
C PRO A 155 -19.20 11.54 4.96
N ALA A 156 -18.42 12.45 4.38
CA ALA A 156 -18.56 12.77 2.96
C ALA A 156 -17.76 11.82 2.07
N CYS A 157 -17.05 10.87 2.66
CA CYS A 157 -16.23 9.95 1.88
C CYS A 157 -17.08 9.06 0.98
N SER A 158 -16.50 8.68 -0.14
CA SER A 158 -17.12 7.73 -1.05
C SER A 158 -16.49 6.36 -0.88
N SER A 159 -17.30 5.31 -0.96
N SER A 159 -17.31 5.32 -0.96
CA SER A 159 -16.76 3.96 -1.02
CA SER A 159 -16.84 3.94 -1.01
C SER A 159 -16.67 3.44 -2.45
C SER A 159 -16.71 3.43 -2.44
N GLU A 160 -17.10 4.24 -3.42
CA GLU A 160 -17.11 3.82 -4.82
C GLU A 160 -16.10 4.57 -5.67
N MET A 161 -15.81 5.83 -5.36
CA MET A 161 -14.92 6.66 -6.16
C MET A 161 -13.62 6.80 -5.37
N LEU A 162 -12.64 5.99 -5.73
CA LEU A 162 -11.38 5.87 -4.99
C LEU A 162 -10.26 6.46 -5.83
N ASP A 163 -9.38 7.26 -5.21
CA ASP A 163 -8.33 7.92 -5.97
C ASP A 163 -6.91 7.70 -5.44
N HIS A 164 -6.72 6.99 -4.34
CA HIS A 164 -5.42 6.98 -3.69
C HIS A 164 -5.12 5.60 -3.12
N GLY A 165 -4.02 5.00 -3.56
CA GLY A 165 -3.60 3.71 -3.02
C GLY A 165 -2.63 3.89 -1.86
N VAL A 166 -2.90 3.17 -0.77
CA VAL A 166 -2.11 3.26 0.47
C VAL A 166 -1.96 1.85 1.03
N LEU A 167 -1.53 1.72 2.28
CA LEU A 167 -1.17 0.40 2.81
C LEU A 167 -1.77 0.23 4.20
N ALA A 168 -2.55 -0.84 4.39
CA ALA A 168 -3.13 -1.13 5.70
C ALA A 168 -2.15 -2.00 6.48
N VAL A 169 -1.54 -1.45 7.53
CA VAL A 169 -0.51 -2.16 8.29
C VAL A 169 -1.01 -2.62 9.65
N GLY A 170 -2.25 -2.33 9.99
CA GLY A 170 -2.77 -2.81 11.26
C GLY A 170 -4.17 -2.31 11.49
N TYR A 171 -4.65 -2.50 12.72
CA TYR A 171 -5.98 -2.07 13.13
C TYR A 171 -6.06 -2.12 14.65
N GLY A 172 -7.12 -1.53 15.18
CA GLY A 172 -7.32 -1.51 16.62
C GLY A 172 -8.55 -0.71 16.96
N THR A 173 -8.63 -0.26 18.22
CA THR A 173 -9.73 0.59 18.65
C THR A 173 -9.17 1.73 19.48
N LEU A 174 -9.69 2.94 19.27
CA LEU A 174 -9.22 4.15 19.93
C LEU A 174 -10.41 5.02 20.29
N ASN A 175 -10.50 5.42 21.56
CA ASN A 175 -11.63 6.23 22.05
C ASN A 175 -12.95 5.58 21.66
N GLY A 176 -13.02 4.25 21.77
CA GLY A 176 -14.22 3.50 21.44
C GLY A 176 -14.52 3.37 19.96
N LYS A 177 -13.64 3.85 19.08
CA LYS A 177 -13.87 3.81 17.64
C LYS A 177 -12.86 2.85 17.00
N ASP A 178 -13.38 1.86 16.29
CA ASP A 178 -12.51 0.97 15.53
C ASP A 178 -11.76 1.75 14.45
N TYR A 179 -10.49 1.41 14.25
CA TYR A 179 -9.68 2.10 13.23
C TYR A 179 -8.85 1.09 12.43
N TRP A 180 -8.44 1.55 11.25
CA TRP A 180 -7.40 0.95 10.42
C TRP A 180 -6.14 1.79 10.54
N LEU A 181 -5.00 1.12 10.71
CA LEU A 181 -3.71 1.80 10.75
C LEU A 181 -3.14 1.82 9.33
N VAL A 182 -3.02 3.01 8.74
CA VAL A 182 -2.75 3.17 7.31
C VAL A 182 -1.45 3.96 7.11
N LYS A 183 -0.53 3.38 6.34
CA LYS A 183 0.70 4.04 5.92
C LYS A 183 0.46 4.79 4.61
N ASN A 184 0.78 6.09 4.60
CA ASN A 184 0.64 6.91 3.40
C ASN A 184 2.03 7.09 2.78
N SER A 185 2.07 7.74 1.61
CA SER A 185 3.28 7.99 0.84
C SER A 185 3.52 9.48 0.64
N TRP A 186 3.17 10.27 1.65
CA TRP A 186 3.31 11.72 1.60
C TRP A 186 4.40 12.24 2.53
N GLY A 187 5.37 11.39 2.84
CA GLY A 187 6.43 11.76 3.75
C GLY A 187 6.01 11.66 5.20
N ALA A 188 7.00 11.77 6.08
CA ALA A 188 6.76 11.59 7.51
C ALA A 188 6.24 12.84 8.19
N ASP A 189 6.27 14.00 7.52
CA ASP A 189 5.72 15.21 8.15
C ASP A 189 4.21 15.31 8.02
N TRP A 190 3.58 14.46 7.22
CA TRP A 190 2.13 14.45 7.07
C TRP A 190 1.50 13.53 8.11
N GLY A 191 0.33 13.94 8.62
CA GLY A 191 -0.42 13.04 9.49
C GLY A 191 0.33 12.74 10.78
N GLN A 192 0.25 11.49 11.22
CA GLN A 192 0.96 11.02 12.41
C GLN A 192 2.22 10.32 11.96
N GLU A 193 3.30 11.08 11.78
CA GLU A 193 4.57 10.57 11.29
C GLU A 193 4.39 9.76 9.99
N GLY A 194 3.49 10.25 9.13
CA GLY A 194 3.23 9.62 7.85
C GLY A 194 2.07 8.65 7.83
N TYR A 195 1.45 8.38 8.98
CA TYR A 195 0.36 7.43 9.12
C TYR A 195 -0.95 8.14 9.42
N ILE A 196 -2.04 7.41 9.19
CA ILE A 196 -3.38 7.87 9.53
C ILE A 196 -4.18 6.71 10.10
N LEU A 197 -4.99 6.98 11.12
CA LEU A 197 -5.95 6.02 11.66
C LEU A 197 -7.29 6.31 10.99
N MET A 198 -7.76 5.40 10.14
CA MET A 198 -9.00 5.62 9.42
C MET A 198 -10.13 4.82 10.06
N SER A 199 -11.37 5.28 9.85
CA SER A 199 -12.51 4.64 10.52
C SER A 199 -12.73 3.22 10.01
N ARG A 200 -12.89 2.29 10.95
CA ARG A 200 -13.15 0.89 10.65
C ARG A 200 -14.55 0.55 11.17
N ASN A 201 -15.23 -0.34 10.44
CA ASN A 201 -16.59 -0.77 10.76
C ASN A 201 -17.57 0.40 10.76
N LYS A 202 -17.32 1.38 9.90
CA LYS A 202 -18.30 2.43 9.62
C LYS A 202 -18.73 2.34 8.16
N ASN A 203 -19.23 1.17 7.76
CA ASN A 203 -19.79 0.93 6.43
C ASN A 203 -18.76 1.21 5.33
N ASN A 204 -17.56 0.65 5.50
CA ASN A 204 -16.50 0.70 4.49
C ASN A 204 -16.18 2.15 4.13
N GLN A 205 -15.91 2.96 5.15
CA GLN A 205 -15.74 4.40 4.93
C GLN A 205 -14.52 4.67 4.07
N CYS A 206 -14.70 5.58 3.10
CA CYS A 206 -13.67 5.92 2.11
C CYS A 206 -13.27 4.73 1.24
N GLY A 207 -14.04 3.64 1.30
CA GLY A 207 -13.81 2.52 0.41
C GLY A 207 -12.58 1.69 0.71
N ILE A 208 -12.09 1.71 1.95
CA ILE A 208 -10.81 1.09 2.26
C ILE A 208 -10.85 -0.42 2.02
N ALA A 209 -12.02 -1.05 2.10
CA ALA A 209 -12.13 -2.47 1.82
C ALA A 209 -12.68 -2.75 0.42
N SER A 210 -12.74 -1.75 -0.46
CA SER A 210 -13.36 -1.95 -1.76
C SER A 210 -12.42 -2.62 -2.76
N ASN A 211 -11.14 -2.22 -2.78
CA ASN A 211 -10.15 -2.72 -3.71
C ASN A 211 -8.86 -3.08 -2.95
N ALA A 212 -8.99 -3.96 -1.97
CA ALA A 212 -7.83 -4.38 -1.19
C ALA A 212 -7.23 -5.65 -1.81
N SER A 213 -5.91 -5.74 -1.81
CA SER A 213 -5.26 -6.91 -2.40
C SER A 213 -3.85 -7.07 -1.83
N TYR A 214 -3.25 -8.23 -2.09
CA TYR A 214 -1.87 -8.44 -1.67
C TYR A 214 -1.18 -9.36 -2.66
N PRO A 215 0.14 -9.28 -2.77
CA PRO A 215 0.87 -10.18 -3.65
C PRO A 215 1.07 -11.55 -3.02
N LEU A 216 1.11 -12.55 -3.89
CA LEU A 216 1.48 -13.90 -3.49
C LEU A 216 2.97 -14.10 -3.68
N VAL A 217 3.60 -14.83 -2.76
CA VAL A 217 5.02 -15.14 -2.88
C VAL A 217 5.20 -16.65 -2.80
N GLY A 218 6.10 -17.19 -3.62
CA GLY A 218 6.32 -18.63 -3.66
C GLY A 218 5.12 -19.39 -4.21
N HIS A 219 4.93 -20.60 -3.70
CA HIS A 219 3.80 -21.44 -4.11
C HIS A 219 2.62 -21.27 -3.16
#